data_7FGM
#
_entry.id   7FGM
#
_cell.length_a   103.335
_cell.length_b   103.335
_cell.length_c   127.093
_cell.angle_alpha   90.000
_cell.angle_beta   90.000
_cell.angle_gamma   120.000
#
_symmetry.space_group_name_H-M   'P 31 2 1'
#
loop_
_entity.id
_entity.type
_entity.pdbx_description
1 polymer 'Heat shock 70 kDa protein 1A'
2 polymer 'FAS-associated factor 1'
3 non-polymer "ADENOSINE-5'-DIPHOSPHATE"
4 non-polymer 'MAGNESIUM ION'
5 non-polymer 'PHOSPHATE ION'
6 water water
#
loop_
_entity_poly.entity_id
_entity_poly.type
_entity_poly.pdbx_seq_one_letter_code
_entity_poly.pdbx_strand_id
1 'polypeptide(L)'
;MAKAAAIGIDLGTTYSCVGVFQHGKVEIIANDQGNRTTPSYVAFTDTERLIGDAAKNQVALNPQNTVFDAKRLIGRKFGD
PVVQSDMKHWPFQVINDGDKPKVQVSYKGETKAFYPEEISSMVLTKMKEIAEAYLGYPVTNAVITVPAYFNDSQRQATKD
AGVIAGLNVLRIINEPTAAAIAYGLDRTGKGERNVLIFDLGGGTFDVSILTIDDGIFEVKATAGDTHLGGEDFDNRLVNH
FVEEFKRKHKKDISQNKRAVRRLRTACERAKRTLSSSTQASLEIDSLFEGIDFYTSITRARFEELCSDLFRSTLEPVEKA
LRDAKLDKAQIHDLVLVGGSTRIPKVQKLLQDFFNGRDLNKSINPDEAVAYGAAVQAAILMG
;
A
2 'polypeptide(L)'
;RQIVERQPRMLDFRVEYRDRNVDVVLEDTCTVGEIKQILENELQIPVSKMLLKGWKTGDVEDSTVLKSLHLPKNNSLYVL
T
;
B
#
# COMPACT_ATOMS: atom_id res chain seq x y z
N ALA A 2 -36.09 -6.43 2.11
CA ALA A 2 -34.78 -7.07 2.01
C ALA A 2 -33.74 -6.12 1.39
N LYS A 3 -33.04 -5.36 2.23
CA LYS A 3 -32.25 -4.23 1.75
C LYS A 3 -30.82 -4.63 1.40
N ALA A 4 -30.24 -3.90 0.43
CA ALA A 4 -28.93 -4.25 -0.11
C ALA A 4 -27.83 -3.96 0.89
N ALA A 5 -26.94 -4.93 1.09
CA ALA A 5 -25.78 -4.73 1.94
C ALA A 5 -24.81 -3.74 1.30
N ALA A 6 -23.96 -3.16 2.14
CA ALA A 6 -22.84 -2.33 1.68
C ALA A 6 -21.56 -3.15 1.71
N ILE A 7 -20.57 -2.70 0.94
CA ILE A 7 -19.33 -3.46 0.84
C ILE A 7 -18.14 -2.65 1.35
N GLY A 8 -17.12 -3.38 1.78
CA GLY A 8 -15.84 -2.80 2.12
C GLY A 8 -14.83 -3.21 1.05
N ILE A 9 -14.05 -2.22 0.59
CA ILE A 9 -13.10 -2.43 -0.50
C ILE A 9 -11.73 -1.96 -0.02
N ASP A 10 -10.79 -2.89 0.04
CA ASP A 10 -9.37 -2.57 0.20
C ASP A 10 -8.83 -2.26 -1.19
N LEU A 11 -8.69 -0.96 -1.50
CA LEU A 11 -8.19 -0.51 -2.81
C LEU A 11 -6.67 -0.41 -2.70
N GLY A 12 -5.98 -1.53 -2.98
CA GLY A 12 -4.56 -1.62 -2.70
C GLY A 12 -3.67 -1.15 -3.84
N THR A 13 -2.41 -0.87 -3.49
CA THR A 13 -1.44 -0.45 -4.51
C THR A 13 -1.33 -1.49 -5.60
N THR A 14 -1.29 -2.77 -5.24
CA THR A 14 -1.06 -3.84 -6.20
C THR A 14 -2.18 -4.88 -6.27
N TYR A 15 -2.95 -5.07 -5.20
CA TYR A 15 -4.13 -5.94 -5.22
C TYR A 15 -5.26 -5.28 -4.43
N SER A 16 -6.48 -5.57 -4.84
CA SER A 16 -7.68 -5.14 -4.12
C SER A 16 -8.52 -6.34 -3.69
N CYS A 17 -9.45 -6.08 -2.77
CA CYS A 17 -10.16 -7.12 -2.03
C CYS A 17 -11.46 -6.53 -1.53
N VAL A 18 -12.57 -7.29 -1.69
CA VAL A 18 -13.91 -6.85 -1.27
C VAL A 18 -14.44 -7.79 -0.22
N GLY A 19 -15.11 -7.21 0.78
CA GLY A 19 -15.85 -7.99 1.74
C GLY A 19 -17.24 -7.44 1.94
N VAL A 20 -18.10 -8.29 2.50
CA VAL A 20 -19.44 -7.88 2.88
C VAL A 20 -19.77 -8.55 4.20
N PHE A 21 -20.42 -7.81 5.09
CA PHE A 21 -20.91 -8.33 6.35
C PHE A 21 -22.39 -8.69 6.18
N GLN A 22 -22.71 -9.96 6.34
CA GLN A 22 -24.07 -10.46 6.22
C GLN A 22 -24.26 -11.51 7.31
N HIS A 23 -25.45 -11.52 7.91
CA HIS A 23 -25.85 -12.62 8.79
C HIS A 23 -24.87 -12.81 9.94
N GLY A 24 -24.43 -11.70 10.54
CA GLY A 24 -23.48 -11.75 11.64
C GLY A 24 -22.05 -12.09 11.29
N LYS A 25 -21.72 -12.22 10.00
CA LYS A 25 -20.42 -12.73 9.59
C LYS A 25 -19.91 -11.96 8.38
N VAL A 26 -18.60 -11.74 8.35
CA VAL A 26 -17.97 -11.16 7.16
C VAL A 26 -17.72 -12.26 6.14
N GLU A 27 -18.02 -11.98 4.88
CA GLU A 27 -17.58 -12.80 3.76
C GLU A 27 -16.60 -12.00 2.92
N ILE A 28 -15.38 -12.53 2.77
CA ILE A 28 -14.46 -11.99 1.77
C ILE A 28 -14.78 -12.65 0.44
N ILE A 29 -15.04 -11.84 -0.58
CA ILE A 29 -15.74 -12.33 -1.77
C ILE A 29 -14.72 -12.72 -2.85
N ALA A 30 -14.79 -13.99 -3.29
CA ALA A 30 -13.98 -14.47 -4.40
C ALA A 30 -14.55 -13.99 -5.74
N ASN A 31 -13.64 -13.65 -6.67
CA ASN A 31 -14.04 -13.28 -8.02
C ASN A 31 -14.34 -14.54 -8.85
N ASP A 32 -14.56 -14.37 -10.15
CA ASP A 32 -14.94 -15.52 -10.98
C ASP A 32 -13.75 -16.40 -11.35
N GLN A 33 -12.56 -16.08 -10.89
CA GLN A 33 -11.46 -17.05 -10.91
C GLN A 33 -11.38 -17.86 -9.63
N GLY A 34 -12.30 -17.65 -8.69
CA GLY A 34 -12.19 -18.22 -7.36
C GLY A 34 -11.20 -17.52 -6.46
N ASN A 35 -10.76 -16.32 -6.81
CA ASN A 35 -9.69 -15.60 -6.11
C ASN A 35 -10.23 -14.45 -5.26
N ARG A 36 -9.71 -14.35 -4.04
CA ARG A 36 -10.20 -13.37 -3.08
C ARG A 36 -9.42 -12.07 -3.11
N THR A 37 -8.36 -11.99 -3.92
CA THR A 37 -7.71 -10.73 -4.23
C THR A 37 -7.66 -10.57 -5.74
N THR A 38 -7.70 -9.33 -6.21
CA THR A 38 -7.70 -8.98 -7.62
C THR A 38 -6.61 -7.94 -7.88
N PRO A 39 -5.76 -8.16 -8.88
CA PRO A 39 -4.70 -7.19 -9.19
C PRO A 39 -5.28 -5.83 -9.58
N SER A 40 -4.75 -4.78 -8.97
CA SER A 40 -5.13 -3.40 -9.28
C SER A 40 -4.47 -2.98 -10.60
N TYR A 41 -4.91 -3.63 -11.68
CA TYR A 41 -4.33 -3.50 -13.01
C TYR A 41 -5.44 -3.24 -14.02
N VAL A 42 -5.15 -2.36 -14.98
CA VAL A 42 -6.08 -2.06 -16.08
C VAL A 42 -5.28 -2.04 -17.37
N ALA A 43 -5.77 -2.72 -18.40
CA ALA A 43 -5.05 -2.81 -19.68
C ALA A 43 -5.95 -2.45 -20.84
N PHE A 44 -5.33 -1.90 -21.89
CA PHE A 44 -6.05 -1.42 -23.07
C PHE A 44 -5.43 -2.08 -24.30
N THR A 45 -6.26 -2.80 -25.05
CA THR A 45 -5.80 -3.51 -26.25
C THR A 45 -6.45 -2.91 -27.50
N ASP A 46 -6.13 -3.52 -28.65
CA ASP A 46 -6.77 -3.10 -29.89
C ASP A 46 -8.29 -3.25 -29.84
N THR A 47 -8.80 -4.15 -28.99
CA THR A 47 -10.21 -4.47 -28.97
C THR A 47 -10.94 -4.24 -27.65
N GLU A 48 -10.25 -4.21 -26.50
CA GLU A 48 -11.01 -4.23 -25.25
C GLU A 48 -10.21 -3.64 -24.10
N ARG A 49 -10.93 -3.44 -22.99
CA ARG A 49 -10.35 -3.01 -21.73
C ARG A 49 -10.36 -4.20 -20.77
N LEU A 50 -9.19 -4.55 -20.25
CA LEU A 50 -9.05 -5.66 -19.33
C LEU A 50 -8.78 -5.14 -17.92
N ILE A 51 -9.33 -5.81 -16.91
CA ILE A 51 -9.23 -5.39 -15.52
C ILE A 51 -8.85 -6.60 -14.67
N GLY A 52 -7.88 -6.42 -13.78
CA GLY A 52 -7.51 -7.46 -12.84
C GLY A 52 -6.53 -8.48 -13.39
N ASP A 53 -6.81 -9.76 -13.12
CA ASP A 53 -5.94 -10.83 -13.62
C ASP A 53 -5.76 -10.77 -15.13
N ALA A 54 -6.85 -10.52 -15.88
CA ALA A 54 -6.73 -10.49 -17.34
C ALA A 54 -5.74 -9.42 -17.77
N ALA A 55 -5.72 -8.29 -17.07
CA ALA A 55 -4.76 -7.24 -17.40
C ALA A 55 -3.35 -7.65 -17.00
N LYS A 56 -3.19 -8.16 -15.77
CA LYS A 56 -1.84 -8.49 -15.32
C LYS A 56 -1.25 -9.65 -16.10
N ASN A 57 -2.09 -10.53 -16.65
CA ASN A 57 -1.60 -11.70 -17.38
C ASN A 57 -0.93 -11.32 -18.71
N GLN A 58 -1.34 -10.22 -19.34
CA GLN A 58 -0.74 -9.86 -20.62
C GLN A 58 0.20 -8.67 -20.53
N VAL A 59 0.66 -8.33 -19.32
CA VAL A 59 1.60 -7.20 -19.14
C VAL A 59 2.89 -7.40 -19.93
N ALA A 60 3.37 -8.65 -20.07
CA ALA A 60 4.65 -8.86 -20.75
C ALA A 60 4.53 -8.60 -22.24
N LEU A 61 3.37 -8.90 -22.82
CA LEU A 61 3.14 -8.70 -24.24
C LEU A 61 2.70 -7.29 -24.58
N ASN A 62 2.07 -6.59 -23.64
CA ASN A 62 1.46 -5.28 -23.91
C ASN A 62 1.84 -4.27 -22.84
N PRO A 63 3.14 -4.06 -22.60
CA PRO A 63 3.55 -3.26 -21.42
C PRO A 63 3.20 -1.78 -21.51
N GLN A 64 3.13 -1.21 -22.72
CA GLN A 64 2.90 0.23 -22.86
C GLN A 64 1.49 0.62 -22.46
N ASN A 65 0.53 -0.30 -22.60
CA ASN A 65 -0.88 0.03 -22.38
C ASN A 65 -1.46 -0.74 -21.20
N THR A 66 -0.62 -1.25 -20.32
CA THR A 66 -1.02 -1.95 -19.10
C THR A 66 -0.71 -1.04 -17.92
N VAL A 67 -1.75 -0.58 -17.24
CA VAL A 67 -1.60 0.42 -16.18
C VAL A 67 -1.67 -0.26 -14.82
N PHE A 68 -0.84 0.21 -13.90
CA PHE A 68 -0.82 -0.26 -12.52
C PHE A 68 -0.26 0.88 -11.70
N ASP A 69 -0.14 0.68 -10.39
CA ASP A 69 0.39 1.69 -9.46
C ASP A 69 -0.39 2.99 -9.51
N ALA A 70 -1.65 3.01 -9.98
CA ALA A 70 -2.38 4.28 -10.01
C ALA A 70 -2.48 4.92 -8.63
N LYS A 71 -2.39 4.11 -7.57
CA LYS A 71 -2.43 4.64 -6.21
C LYS A 71 -1.24 5.53 -5.91
N ARG A 72 -0.13 5.38 -6.63
CA ARG A 72 1.01 6.28 -6.48
C ARG A 72 0.77 7.63 -7.15
N LEU A 73 -0.31 7.76 -7.94
CA LEU A 73 -0.64 8.99 -8.64
C LEU A 73 -1.91 9.66 -8.16
N ILE A 74 -2.77 8.96 -7.45
CA ILE A 74 -4.10 9.49 -7.18
C ILE A 74 -3.98 10.64 -6.18
N GLY A 75 -4.60 11.76 -6.51
CA GLY A 75 -4.54 12.96 -5.71
C GLY A 75 -3.24 13.72 -5.78
N ARG A 76 -2.37 13.42 -6.74
CA ARG A 76 -1.02 13.94 -6.78
C ARG A 76 -0.84 14.97 -7.90
N LYS A 77 0.25 15.70 -7.82
CA LYS A 77 0.57 16.70 -8.83
C LYS A 77 1.67 16.17 -9.74
N PHE A 78 1.59 16.53 -11.02
CA PHE A 78 2.56 16.06 -12.00
C PHE A 78 3.98 16.44 -11.60
N GLY A 79 4.17 17.63 -11.05
CA GLY A 79 5.49 18.12 -10.71
C GLY A 79 6.07 17.59 -9.40
N ASP A 80 5.37 16.68 -8.73
CA ASP A 80 5.88 16.05 -7.52
C ASP A 80 7.14 15.26 -7.83
N PRO A 81 8.27 15.54 -7.20
CA PRO A 81 9.49 14.74 -7.43
C PRO A 81 9.28 13.23 -7.33
N VAL A 82 8.49 12.78 -6.35
CA VAL A 82 8.22 11.36 -6.21
C VAL A 82 7.50 10.83 -7.44
N VAL A 83 6.54 11.60 -7.98
CA VAL A 83 5.86 11.20 -9.20
C VAL A 83 6.85 11.12 -10.36
N GLN A 84 7.65 12.17 -10.55
CA GLN A 84 8.65 12.15 -11.62
C GLN A 84 9.62 11.01 -11.42
N SER A 85 9.98 10.71 -10.16
CA SER A 85 10.86 9.58 -9.92
C SER A 85 10.18 8.26 -10.27
N ASP A 86 8.92 8.08 -9.85
CA ASP A 86 8.22 6.83 -10.16
C ASP A 86 8.04 6.63 -11.66
N MET A 87 7.88 7.72 -12.42
CA MET A 87 7.58 7.60 -13.84
C MET A 87 8.70 6.88 -14.60
N LYS A 88 9.94 6.98 -14.12
CA LYS A 88 11.06 6.33 -14.78
C LYS A 88 10.95 4.81 -14.75
N HIS A 89 10.15 4.25 -13.84
CA HIS A 89 10.01 2.81 -13.75
C HIS A 89 8.73 2.29 -14.39
N TRP A 90 7.82 3.16 -14.78
CA TRP A 90 6.62 2.62 -15.38
C TRP A 90 6.77 2.52 -16.90
N PRO A 91 6.30 1.45 -17.53
CA PRO A 91 6.34 1.38 -19.00
C PRO A 91 5.23 2.17 -19.67
N PHE A 92 4.23 2.63 -18.91
CA PHE A 92 3.20 3.47 -19.50
C PHE A 92 3.58 4.94 -19.38
N GLN A 93 3.01 5.74 -20.27
CA GLN A 93 3.30 7.16 -20.35
C GLN A 93 2.42 7.94 -19.36
N VAL A 94 3.04 8.90 -18.68
CA VAL A 94 2.33 9.85 -17.83
C VAL A 94 2.56 11.24 -18.41
N ILE A 95 1.49 11.99 -18.59
CA ILE A 95 1.53 13.32 -19.19
C ILE A 95 0.94 14.33 -18.23
N ASN A 96 1.17 15.61 -18.54
CA ASN A 96 0.84 16.73 -17.68
C ASN A 96 -0.39 17.44 -18.24
N ASP A 97 -1.44 17.51 -17.46
CA ASP A 97 -2.63 18.30 -17.79
C ASP A 97 -2.81 19.36 -16.70
N GLY A 98 -2.17 20.51 -16.88
CA GLY A 98 -2.32 21.59 -15.91
C GLY A 98 -1.87 21.21 -14.53
N ASP A 99 -0.75 20.50 -14.43
CA ASP A 99 -0.15 19.98 -13.20
C ASP A 99 -0.90 18.78 -12.65
N LYS A 100 -1.89 18.26 -13.38
CA LYS A 100 -2.53 17.00 -13.00
C LYS A 100 -1.99 15.90 -13.89
N PRO A 101 -1.45 14.81 -13.34
CA PRO A 101 -0.97 13.73 -14.20
C PRO A 101 -2.12 12.96 -14.82
N LYS A 102 -1.91 12.52 -16.06
CA LYS A 102 -2.83 11.60 -16.72
C LYS A 102 -2.00 10.47 -17.31
N VAL A 103 -2.57 9.27 -17.26
CA VAL A 103 -1.97 8.11 -17.88
C VAL A 103 -2.41 8.06 -19.35
N GLN A 104 -1.44 7.96 -20.25
CA GLN A 104 -1.71 7.97 -21.69
C GLN A 104 -1.37 6.61 -22.30
N VAL A 105 -2.31 6.05 -23.07
CA VAL A 105 -2.18 4.73 -23.66
C VAL A 105 -2.78 4.74 -25.06
N SER A 106 -2.60 3.61 -25.75
CA SER A 106 -3.26 3.35 -27.01
C SER A 106 -4.43 2.39 -26.75
N TYR A 107 -5.62 2.78 -27.21
CA TYR A 107 -6.84 2.03 -26.94
C TYR A 107 -7.70 2.01 -28.18
N LYS A 108 -7.98 0.82 -28.71
CA LYS A 108 -8.73 0.65 -29.95
C LYS A 108 -8.18 1.54 -31.04
N GLY A 109 -6.85 1.49 -31.21
CA GLY A 109 -6.17 2.26 -32.23
C GLY A 109 -5.98 3.74 -31.94
N GLU A 110 -6.56 4.27 -30.86
CA GLU A 110 -6.48 5.69 -30.56
C GLU A 110 -5.66 5.97 -29.31
N THR A 111 -5.13 7.18 -29.26
CA THR A 111 -4.45 7.67 -28.07
C THR A 111 -5.46 8.24 -27.08
N LYS A 112 -5.56 7.63 -25.90
CA LYS A 112 -6.46 8.08 -24.85
C LYS A 112 -5.66 8.33 -23.57
N ALA A 113 -6.12 9.29 -22.77
CA ALA A 113 -5.46 9.64 -21.52
C ALA A 113 -6.48 9.68 -20.39
N PHE A 114 -6.09 9.14 -19.23
CA PHE A 114 -7.00 8.92 -18.10
C PHE A 114 -6.42 9.50 -16.82
N TYR A 115 -7.29 10.13 -16.03
CA TYR A 115 -6.87 10.58 -14.72
C TYR A 115 -6.63 9.37 -13.81
N PRO A 116 -5.75 9.51 -12.79
CA PRO A 116 -5.55 8.40 -11.86
C PRO A 116 -6.85 7.89 -11.26
N GLU A 117 -7.77 8.79 -10.88
CA GLU A 117 -9.03 8.35 -10.30
C GLU A 117 -9.91 7.61 -11.31
N GLU A 118 -9.71 7.85 -12.61
CA GLU A 118 -10.44 7.05 -13.58
C GLU A 118 -9.90 5.63 -13.63
N ILE A 119 -8.57 5.49 -13.63
CA ILE A 119 -7.98 4.17 -13.60
C ILE A 119 -8.46 3.41 -12.37
N SER A 120 -8.39 4.07 -11.21
CA SER A 120 -8.82 3.42 -9.98
C SER A 120 -10.31 3.12 -9.98
N SER A 121 -11.11 3.97 -10.64
CA SER A 121 -12.55 3.70 -10.72
C SER A 121 -12.84 2.43 -11.52
N MET A 122 -11.95 2.07 -12.44
CA MET A 122 -12.13 0.83 -13.18
C MET A 122 -11.82 -0.38 -12.30
N VAL A 123 -10.80 -0.27 -11.45
CA VAL A 123 -10.54 -1.32 -10.46
C VAL A 123 -11.72 -1.45 -9.51
N LEU A 124 -12.23 -0.31 -9.01
CA LEU A 124 -13.38 -0.33 -8.12
C LEU A 124 -14.63 -0.86 -8.81
N THR A 125 -14.80 -0.60 -10.11
CA THR A 125 -15.92 -1.21 -10.82
C THR A 125 -15.82 -2.72 -10.77
N LYS A 126 -14.64 -3.28 -11.07
CA LYS A 126 -14.44 -4.71 -10.97
C LYS A 126 -14.77 -5.24 -9.57
N MET A 127 -14.27 -4.57 -8.52
CA MET A 127 -14.59 -5.01 -7.17
C MET A 127 -16.09 -4.92 -6.88
N LYS A 128 -16.73 -3.86 -7.37
CA LYS A 128 -18.20 -3.75 -7.26
C LYS A 128 -18.89 -4.93 -7.97
N GLU A 129 -18.44 -5.26 -9.18
CA GLU A 129 -19.08 -6.36 -9.93
C GLU A 129 -18.83 -7.71 -9.25
N ILE A 130 -17.67 -7.89 -8.62
CA ILE A 130 -17.41 -9.12 -7.87
C ILE A 130 -18.42 -9.27 -6.75
N ALA A 131 -18.62 -8.21 -5.96
CA ALA A 131 -19.61 -8.26 -4.89
C ALA A 131 -21.01 -8.55 -5.44
N GLU A 132 -21.35 -7.96 -6.59
CA GLU A 132 -22.70 -8.12 -7.12
C GLU A 132 -22.94 -9.54 -7.60
N ALA A 133 -21.92 -10.18 -8.16
CA ALA A 133 -22.06 -11.56 -8.58
C ALA A 133 -22.32 -12.48 -7.40
N TYR A 134 -21.78 -12.16 -6.22
CA TYR A 134 -21.98 -12.99 -5.04
C TYR A 134 -23.31 -12.69 -4.36
N LEU A 135 -23.65 -11.39 -4.22
CA LEU A 135 -24.86 -11.01 -3.50
C LEU A 135 -26.12 -11.22 -4.35
N GLY A 136 -26.00 -11.16 -5.67
CA GLY A 136 -27.15 -11.30 -6.54
C GLY A 136 -27.99 -10.06 -6.74
N TYR A 137 -27.42 -8.87 -6.57
CA TYR A 137 -28.16 -7.62 -6.80
C TYR A 137 -27.16 -6.48 -6.94
N PRO A 138 -27.57 -5.33 -7.48
CA PRO A 138 -26.62 -4.21 -7.62
C PRO A 138 -26.22 -3.66 -6.26
N VAL A 139 -24.94 -3.27 -6.15
CA VAL A 139 -24.38 -2.72 -4.93
C VAL A 139 -24.10 -1.25 -5.16
N THR A 140 -24.59 -0.40 -4.27
CA THR A 140 -24.43 1.04 -4.46
C THR A 140 -23.68 1.73 -3.33
N ASN A 141 -23.40 1.07 -2.22
CA ASN A 141 -22.78 1.68 -1.05
C ASN A 141 -21.47 1.00 -0.68
N ALA A 142 -20.47 1.80 -0.28
CA ALA A 142 -19.17 1.21 0.00
C ALA A 142 -18.38 2.10 0.96
N VAL A 143 -17.58 1.42 1.79
CA VAL A 143 -16.45 2.03 2.50
C VAL A 143 -15.18 1.64 1.75
N ILE A 144 -14.30 2.62 1.52
CA ILE A 144 -13.02 2.40 0.88
C ILE A 144 -11.90 2.83 1.82
N THR A 145 -10.83 2.05 1.86
CA THR A 145 -9.70 2.30 2.76
C THR A 145 -8.56 2.99 2.01
N VAL A 146 -7.77 3.76 2.76
CA VAL A 146 -6.58 4.45 2.26
C VAL A 146 -5.51 4.35 3.34
N PRO A 147 -4.23 4.54 2.97
CA PRO A 147 -3.19 4.60 3.99
C PRO A 147 -3.45 5.76 4.95
N ALA A 148 -3.08 5.55 6.22
CA ALA A 148 -3.33 6.57 7.24
C ALA A 148 -2.67 7.90 6.89
N TYR A 149 -1.57 7.89 6.15
CA TYR A 149 -0.88 9.13 5.83
C TYR A 149 -1.37 9.82 4.55
N PHE A 150 -2.42 9.31 3.91
CA PHE A 150 -3.00 10.01 2.76
C PHE A 150 -3.55 11.37 3.20
N ASN A 151 -3.29 12.41 2.39
CA ASN A 151 -3.78 13.75 2.69
C ASN A 151 -5.19 13.95 2.12
N ASP A 152 -5.74 15.15 2.37
CA ASP A 152 -7.10 15.46 1.93
C ASP A 152 -7.28 15.22 0.44
N SER A 153 -6.27 15.59 -0.35
CA SER A 153 -6.38 15.50 -1.80
C SER A 153 -6.40 14.05 -2.27
N GLN A 154 -5.58 13.19 -1.64
CA GLN A 154 -5.59 11.77 -1.97
C GLN A 154 -6.88 11.10 -1.53
N ARG A 155 -7.39 11.46 -0.34
CA ARG A 155 -8.67 10.94 0.09
C ARG A 155 -9.79 11.36 -0.86
N GLN A 156 -9.82 12.64 -1.22
CA GLN A 156 -10.91 13.13 -2.08
C GLN A 156 -10.87 12.47 -3.44
N ALA A 157 -9.66 12.23 -3.97
CA ALA A 157 -9.54 11.60 -5.28
C ALA A 157 -9.88 10.11 -5.20
N THR A 158 -9.59 9.47 -4.07
CA THR A 158 -10.01 8.08 -3.89
C THR A 158 -11.53 8.00 -3.82
N LYS A 159 -12.17 8.94 -3.12
CA LYS A 159 -13.62 8.99 -3.11
C LYS A 159 -14.16 9.26 -4.50
N ASP A 160 -13.51 10.15 -5.26
CA ASP A 160 -13.97 10.43 -6.62
C ASP A 160 -13.95 9.15 -7.45
N ALA A 161 -12.91 8.33 -7.28
CA ALA A 161 -12.85 7.07 -8.02
C ALA A 161 -14.05 6.19 -7.68
N GLY A 162 -14.51 6.24 -6.43
CA GLY A 162 -15.69 5.48 -6.06
C GLY A 162 -16.95 6.00 -6.74
N VAL A 163 -17.12 7.35 -6.75
CA VAL A 163 -18.29 7.96 -7.37
C VAL A 163 -18.32 7.66 -8.87
N ILE A 164 -17.16 7.75 -9.53
CA ILE A 164 -17.11 7.43 -10.96
C ILE A 164 -17.52 5.97 -11.19
N ALA A 165 -17.19 5.07 -10.26
CA ALA A 165 -17.61 3.68 -10.38
C ALA A 165 -19.07 3.48 -9.97
N GLY A 166 -19.83 4.55 -9.73
CA GLY A 166 -21.22 4.38 -9.36
C GLY A 166 -21.48 3.99 -7.93
N LEU A 167 -20.54 4.25 -7.02
CA LEU A 167 -20.73 3.91 -5.61
C LEU A 167 -21.03 5.16 -4.80
N ASN A 168 -21.95 5.03 -3.85
CA ASN A 168 -22.03 5.98 -2.77
C ASN A 168 -20.94 5.61 -1.77
N VAL A 169 -19.95 6.48 -1.63
CA VAL A 169 -18.85 6.28 -0.68
C VAL A 169 -19.36 6.68 0.69
N LEU A 170 -19.70 5.70 1.53
CA LEU A 170 -20.17 6.01 2.87
C LEU A 170 -19.08 6.73 3.67
N ARG A 171 -17.82 6.34 3.48
CA ARG A 171 -16.72 6.88 4.27
C ARG A 171 -15.41 6.36 3.72
N ILE A 172 -14.38 7.21 3.77
CA ILE A 172 -12.99 6.80 3.60
C ILE A 172 -12.39 6.61 4.99
N ILE A 173 -11.83 5.43 5.27
CA ILE A 173 -11.18 5.18 6.54
C ILE A 173 -9.76 4.69 6.29
N ASN A 174 -8.94 4.74 7.34
CA ASN A 174 -7.55 4.34 7.25
C ASN A 174 -7.40 2.83 7.22
N GLU A 175 -6.48 2.34 6.39
CA GLU A 175 -6.14 0.92 6.36
C GLU A 175 -5.79 0.33 7.72
N PRO A 176 -4.98 0.96 8.57
CA PRO A 176 -4.69 0.32 9.87
C PRO A 176 -5.90 0.29 10.79
N THR A 177 -6.80 1.27 10.69
CA THR A 177 -8.06 1.20 11.43
C THR A 177 -8.85 -0.04 11.03
N ALA A 178 -8.99 -0.25 9.71
CA ALA A 178 -9.75 -1.40 9.24
C ALA A 178 -9.12 -2.70 9.70
N ALA A 179 -7.78 -2.79 9.66
CA ALA A 179 -7.15 -4.02 10.13
C ALA A 179 -7.42 -4.25 11.61
N ALA A 180 -7.44 -3.18 12.40
CA ALA A 180 -7.71 -3.35 13.83
C ALA A 180 -9.16 -3.75 14.05
N ILE A 181 -10.08 -3.17 13.27
CA ILE A 181 -11.48 -3.56 13.35
C ILE A 181 -11.64 -5.05 13.08
N ALA A 182 -10.93 -5.56 12.07
CA ALA A 182 -11.06 -6.98 11.73
C ALA A 182 -10.70 -7.87 12.92
N TYR A 183 -9.73 -7.47 13.72
CA TYR A 183 -9.35 -8.23 14.90
C TYR A 183 -10.14 -7.85 16.16
N GLY A 184 -11.24 -7.11 16.01
CA GLY A 184 -12.03 -6.71 17.14
C GLY A 184 -11.28 -5.88 18.16
N LEU A 185 -10.23 -5.18 17.75
CA LEU A 185 -9.38 -4.48 18.69
C LEU A 185 -10.04 -3.26 19.30
N ASP A 186 -11.17 -2.80 18.77
CA ASP A 186 -11.96 -1.79 19.45
C ASP A 186 -12.89 -2.36 20.51
N ARG A 187 -12.93 -3.68 20.66
CA ARG A 187 -13.95 -4.34 21.46
C ARG A 187 -13.35 -5.29 22.50
N THR A 188 -12.10 -5.08 22.89
CA THR A 188 -11.50 -5.90 23.94
C THR A 188 -12.16 -5.69 25.30
N GLY A 189 -12.83 -4.55 25.51
CA GLY A 189 -13.32 -4.19 26.83
C GLY A 189 -12.23 -4.09 27.87
N LYS A 190 -11.01 -3.71 27.48
CA LYS A 190 -9.87 -3.64 28.38
C LYS A 190 -9.31 -2.23 28.47
N GLY A 191 -10.12 -1.22 28.19
CA GLY A 191 -9.59 0.14 28.24
C GLY A 191 -8.68 0.45 27.06
N GLU A 192 -7.90 1.53 27.20
CA GLU A 192 -7.08 2.03 26.10
C GLU A 192 -5.98 1.05 25.75
N ARG A 193 -5.82 0.75 24.47
CA ARG A 193 -4.83 -0.21 24.02
C ARG A 193 -3.90 0.42 22.99
N ASN A 194 -2.62 0.03 23.04
CA ASN A 194 -1.61 0.42 22.06
C ASN A 194 -1.47 -0.69 21.04
N VAL A 195 -1.63 -0.35 19.76
CA VAL A 195 -1.70 -1.33 18.68
C VAL A 195 -0.65 -0.98 17.65
N LEU A 196 0.14 -1.97 17.23
CA LEU A 196 1.10 -1.79 16.14
C LEU A 196 0.62 -2.57 14.92
N ILE A 197 0.43 -1.86 13.81
CA ILE A 197 0.08 -2.51 12.54
C ILE A 197 1.33 -2.59 11.69
N PHE A 198 1.70 -3.80 11.30
CA PHE A 198 2.84 -4.08 10.44
C PHE A 198 2.25 -4.53 9.10
N ASP A 199 2.29 -3.65 8.10
CA ASP A 199 1.59 -3.87 6.84
C ASP A 199 2.61 -3.92 5.70
N LEU A 200 2.88 -5.12 5.20
CA LEU A 200 3.87 -5.34 4.14
C LEU A 200 3.16 -5.95 2.93
N GLY A 201 2.92 -5.14 1.91
CA GLY A 201 2.19 -5.51 0.72
C GLY A 201 3.10 -5.80 -0.46
N GLY A 202 2.63 -5.45 -1.64
CA GLY A 202 3.38 -5.74 -2.86
C GLY A 202 4.31 -4.61 -3.27
N GLY A 203 4.01 -3.39 -2.84
CA GLY A 203 4.81 -2.26 -3.25
C GLY A 203 5.28 -1.39 -2.09
N THR A 204 4.63 -1.53 -0.93
CA THR A 204 4.79 -0.56 0.17
C THR A 204 4.83 -1.27 1.51
N PHE A 205 5.48 -0.62 2.46
CA PHE A 205 5.60 -1.09 3.84
C PHE A 205 5.17 0.03 4.77
N ASP A 206 4.09 -0.19 5.52
CA ASP A 206 3.54 0.80 6.44
C ASP A 206 3.51 0.23 7.85
N VAL A 207 4.13 0.94 8.78
CA VAL A 207 4.05 0.67 10.21
C VAL A 207 3.22 1.77 10.84
N SER A 208 2.19 1.41 11.59
CA SER A 208 1.35 2.39 12.25
C SER A 208 1.17 1.99 13.71
N ILE A 209 1.31 2.95 14.60
CA ILE A 209 0.99 2.74 16.01
C ILE A 209 -0.26 3.56 16.31
N LEU A 210 -1.30 2.89 16.81
CA LEU A 210 -2.55 3.52 17.21
C LEU A 210 -2.81 3.25 18.68
N THR A 211 -3.51 4.17 19.31
CA THR A 211 -4.24 3.91 20.53
C THR A 211 -5.71 3.74 20.18
N ILE A 212 -6.36 2.83 20.89
CA ILE A 212 -7.76 2.55 20.70
C ILE A 212 -8.41 2.54 22.07
N ASP A 213 -9.44 3.37 22.24
CA ASP A 213 -10.16 3.45 23.50
C ASP A 213 -11.62 3.74 23.18
N ASP A 214 -12.50 2.79 23.49
CA ASP A 214 -13.94 3.03 23.39
C ASP A 214 -14.34 3.31 21.94
N GLY A 215 -13.76 2.56 21.01
CA GLY A 215 -14.02 2.78 19.59
C GLY A 215 -13.40 4.04 19.00
N ILE A 216 -12.54 4.74 19.72
CA ILE A 216 -11.83 5.91 19.20
C ILE A 216 -10.40 5.50 18.87
N PHE A 217 -10.01 5.69 17.61
CA PHE A 217 -8.69 5.29 17.13
C PHE A 217 -7.79 6.51 16.99
N VAL A 219 -3.92 7.58 15.72
CA VAL A 219 -2.58 7.30 15.17
C VAL A 219 -1.51 8.08 15.93
N LYS A 220 -0.63 7.36 16.63
CA LYS A 220 0.38 8.01 17.44
C LYS A 220 1.72 8.18 16.72
N ALA A 221 2.06 7.26 15.82
CA ALA A 221 3.30 7.33 15.07
C ALA A 221 3.15 6.48 13.81
N THR A 222 3.92 6.84 12.78
CA THR A 222 3.99 6.06 11.55
C THR A 222 5.44 5.95 11.11
N ALA A 223 5.71 4.89 10.35
CA ALA A 223 7.01 4.70 9.73
C ALA A 223 6.81 3.72 8.60
N GLY A 224 7.81 3.63 7.74
CA GLY A 224 7.80 2.62 6.72
C GLY A 224 8.61 3.07 5.53
N ASP A 225 8.26 2.48 4.39
CA ASP A 225 9.01 2.68 3.16
C ASP A 225 8.00 2.48 2.02
N THR A 226 7.71 3.55 1.30
CA THR A 226 6.74 3.45 0.21
C THR A 226 7.28 2.71 -1.00
N HIS A 227 8.55 2.33 -1.00
CA HIS A 227 9.17 1.57 -2.08
C HIS A 227 9.85 0.32 -1.56
N LEU A 228 9.22 -0.37 -0.61
CA LEU A 228 9.66 -1.68 -0.17
C LEU A 228 8.45 -2.59 -0.11
N GLY A 229 8.46 -3.69 -0.86
CA GLY A 229 7.36 -4.61 -0.78
C GLY A 229 7.67 -5.91 -1.49
N GLY A 230 6.60 -6.69 -1.72
CA GLY A 230 6.75 -7.99 -2.35
C GLY A 230 7.43 -7.91 -3.71
N GLU A 231 7.21 -6.81 -4.45
CA GLU A 231 7.88 -6.63 -5.73
C GLU A 231 9.39 -6.73 -5.58
N ASP A 232 9.95 -6.18 -4.50
CA ASP A 232 11.40 -6.22 -4.34
C ASP A 232 11.89 -7.63 -4.05
N PHE A 233 11.07 -8.45 -3.39
CA PHE A 233 11.46 -9.84 -3.19
C PHE A 233 11.43 -10.60 -4.50
N ASP A 234 10.42 -10.32 -5.35
CA ASP A 234 10.39 -10.89 -6.69
C ASP A 234 11.66 -10.55 -7.45
N ASN A 235 12.14 -9.30 -7.32
CA ASN A 235 13.28 -8.87 -8.12
C ASN A 235 14.57 -9.50 -7.65
N ARG A 236 14.70 -9.78 -6.35
CA ARG A 236 15.85 -10.56 -5.89
C ARG A 236 15.86 -11.94 -6.54
N LEU A 237 14.68 -12.52 -6.74
CA LEU A 237 14.62 -13.81 -7.41
C LEU A 237 14.94 -13.67 -8.89
N VAL A 238 14.38 -12.64 -9.54
CA VAL A 238 14.71 -12.35 -10.94
C VAL A 238 16.22 -12.30 -11.13
N ASN A 239 16.91 -11.44 -10.36
CA ASN A 239 18.35 -11.27 -10.53
C ASN A 239 19.09 -12.59 -10.29
N HIS A 240 18.63 -13.37 -9.32
CA HIS A 240 19.24 -14.67 -9.08
C HIS A 240 19.13 -15.57 -10.32
N PHE A 241 17.97 -15.60 -10.96
CA PHE A 241 17.84 -16.50 -12.09
C PHE A 241 18.48 -15.90 -13.34
N VAL A 242 18.52 -14.57 -13.46
CA VAL A 242 19.31 -13.98 -14.53
C VAL A 242 20.75 -14.47 -14.45
N GLU A 243 21.31 -14.51 -13.23
CA GLU A 243 22.67 -15.00 -13.05
C GLU A 243 22.76 -16.49 -13.37
N GLU A 244 21.80 -17.28 -12.91
CA GLU A 244 21.80 -18.70 -13.22
C GLU A 244 21.72 -18.93 -14.72
N PHE A 245 20.95 -18.10 -15.43
CA PHE A 245 20.82 -18.27 -16.88
C PHE A 245 22.11 -17.95 -17.61
N LYS A 246 22.87 -16.96 -17.12
CA LYS A 246 24.20 -16.68 -17.65
C LYS A 246 25.12 -17.88 -17.48
N ARG A 247 25.11 -18.48 -16.29
CA ARG A 247 26.03 -19.59 -16.04
C ARG A 247 25.70 -20.80 -16.91
N LYS A 248 24.41 -21.08 -17.12
CA LYS A 248 24.04 -22.30 -17.83
C LYS A 248 24.14 -22.13 -19.33
N HIS A 249 23.83 -20.93 -19.86
CA HIS A 249 23.75 -20.72 -21.30
C HIS A 249 24.70 -19.67 -21.84
N LYS A 250 25.49 -19.02 -20.97
CA LYS A 250 26.37 -17.92 -21.35
C LYS A 250 25.64 -16.82 -22.12
N LYS A 251 24.42 -16.50 -21.70
CA LYS A 251 23.67 -15.41 -22.29
C LYS A 251 23.06 -14.54 -21.20
N ASP A 252 22.98 -13.24 -21.49
CA ASP A 252 22.49 -12.22 -20.57
C ASP A 252 21.12 -11.78 -21.06
N ILE A 253 20.09 -12.09 -20.28
CA ILE A 253 18.72 -11.77 -20.68
C ILE A 253 18.22 -10.45 -20.14
N SER A 254 19.01 -9.77 -19.29
CA SER A 254 18.51 -8.66 -18.49
C SER A 254 18.05 -7.46 -19.32
N GLN A 255 18.52 -7.32 -20.56
CA GLN A 255 18.07 -6.22 -21.42
C GLN A 255 16.90 -6.61 -22.33
N ASN A 256 16.40 -7.84 -22.24
CA ASN A 256 15.20 -8.22 -22.98
C ASN A 256 14.01 -8.00 -22.05
N LYS A 257 13.24 -6.95 -22.31
CA LYS A 257 12.22 -6.55 -21.35
C LYS A 257 11.13 -7.62 -21.21
N ARG A 258 10.76 -8.25 -22.33
CA ARG A 258 9.75 -9.31 -22.27
C ARG A 258 10.23 -10.50 -21.46
N ALA A 259 11.49 -10.92 -21.66
CA ALA A 259 12.01 -12.05 -20.89
C ALA A 259 12.03 -11.74 -19.39
N VAL A 260 12.45 -10.52 -19.02
CA VAL A 260 12.53 -10.18 -17.60
C VAL A 260 11.14 -10.18 -16.96
N ARG A 261 10.15 -9.64 -17.66
CA ARG A 261 8.79 -9.61 -17.11
C ARG A 261 8.22 -11.02 -17.00
N ARG A 262 8.43 -11.86 -18.01
CA ARG A 262 7.97 -13.23 -17.91
C ARG A 262 8.65 -13.94 -16.75
N LEU A 263 9.97 -13.71 -16.57
CA LEU A 263 10.67 -14.26 -15.41
C LEU A 263 10.08 -13.72 -14.11
N ARG A 264 9.74 -12.43 -14.07
CA ARG A 264 9.24 -11.84 -12.83
C ARG A 264 7.90 -12.47 -12.42
N THR A 265 7.00 -12.65 -13.39
CA THR A 265 5.74 -13.34 -13.13
C THR A 265 5.99 -14.70 -12.49
N ALA A 266 6.84 -15.52 -13.12
CA ALA A 266 7.11 -16.86 -12.60
C ALA A 266 7.75 -16.81 -11.22
N CYS A 267 8.62 -15.82 -10.98
CA CYS A 267 9.25 -15.70 -9.67
C CYS A 267 8.24 -15.36 -8.57
N GLU A 268 7.28 -14.50 -8.89
CA GLU A 268 6.26 -14.14 -7.91
C GLU A 268 5.44 -15.36 -7.51
N ARG A 269 5.12 -16.22 -8.47
CA ARG A 269 4.40 -17.45 -8.18
C ARG A 269 5.25 -18.39 -7.32
N ALA A 270 6.53 -18.55 -7.67
CA ALA A 270 7.39 -19.40 -6.86
C ALA A 270 7.49 -18.87 -5.45
N LYS A 271 7.63 -17.55 -5.30
CA LYS A 271 7.70 -16.95 -3.97
C LYS A 271 6.48 -17.34 -3.13
N ARG A 272 5.29 -17.28 -3.71
CA ARG A 272 4.09 -17.64 -2.96
C ARG A 272 4.14 -19.09 -2.52
N THR A 273 4.62 -19.96 -3.41
CA THR A 273 4.71 -21.38 -3.09
C THR A 273 5.67 -21.61 -1.93
N LEU A 274 6.74 -20.82 -1.87
CA LEU A 274 7.73 -20.93 -0.82
C LEU A 274 7.20 -20.52 0.55
N SER A 275 6.01 -19.94 0.64
CA SER A 275 5.44 -19.71 1.96
C SER A 275 4.73 -20.94 2.51
N SER A 276 4.45 -21.95 1.66
CA SER A 276 3.81 -23.18 2.10
C SER A 276 4.68 -24.41 1.94
N SER A 277 5.71 -24.34 1.09
CA SER A 277 6.64 -25.43 0.87
C SER A 277 8.05 -24.91 0.99
N THR A 278 8.99 -25.85 1.19
CA THR A 278 10.40 -25.51 1.31
C THR A 278 11.12 -25.50 -0.03
N GLN A 279 10.41 -25.76 -1.12
CA GLN A 279 11.03 -25.80 -2.43
C GLN A 279 9.98 -25.47 -3.48
N ALA A 280 10.39 -24.85 -4.58
CA ALA A 280 9.45 -24.54 -5.65
C ALA A 280 10.13 -24.67 -7.00
N SER A 281 9.37 -25.13 -7.98
CA SER A 281 9.90 -25.27 -9.33
C SER A 281 9.46 -24.10 -10.18
N LEU A 282 10.16 -23.89 -11.29
CA LEU A 282 9.92 -22.73 -12.14
C LEU A 282 10.19 -23.15 -13.58
N GLU A 283 9.28 -22.79 -14.50
CA GLU A 283 9.37 -23.15 -15.91
C GLU A 283 8.92 -22.00 -16.79
N ILE A 284 9.74 -21.61 -17.77
CA ILE A 284 9.29 -20.67 -18.79
C ILE A 284 9.79 -21.15 -20.15
N ASP A 285 8.86 -21.43 -21.07
CA ASP A 285 9.26 -21.80 -22.41
C ASP A 285 9.69 -20.56 -23.19
N SER A 286 10.71 -20.74 -24.05
CA SER A 286 11.26 -19.69 -24.91
C SER A 286 11.50 -18.40 -24.14
N LEU A 287 12.20 -18.54 -23.01
CA LEU A 287 12.52 -17.37 -22.20
C LEU A 287 13.36 -16.38 -23.00
N PHE A 288 14.42 -16.87 -23.65
CA PHE A 288 15.32 -15.96 -24.36
C PHE A 288 15.96 -16.70 -25.52
N GLU A 289 15.87 -16.13 -26.73
CA GLU A 289 16.37 -16.77 -27.95
C GLU A 289 15.83 -18.19 -28.08
N GLY A 290 14.55 -18.35 -27.73
CA GLY A 290 13.92 -19.65 -27.79
C GLY A 290 14.46 -20.68 -26.83
N ILE A 291 15.22 -20.29 -25.82
CA ILE A 291 15.79 -21.26 -24.87
C ILE A 291 14.79 -21.50 -23.76
N ASP A 292 14.43 -22.75 -23.53
CA ASP A 292 13.57 -23.09 -22.41
C ASP A 292 14.33 -22.95 -21.09
N PHE A 293 13.67 -22.38 -20.09
CA PHE A 293 14.24 -22.22 -18.76
C PHE A 293 13.39 -23.00 -17.76
N TYR A 294 14.05 -23.85 -16.97
CA TYR A 294 13.35 -24.65 -15.99
C TYR A 294 14.32 -24.97 -14.85
N THR A 295 13.86 -24.84 -13.61
CA THR A 295 14.77 -24.91 -12.48
C THR A 295 13.93 -25.03 -11.21
N SER A 296 14.60 -24.89 -10.07
CA SER A 296 13.93 -24.88 -8.77
C SER A 296 14.74 -24.02 -7.81
N ILE A 297 14.11 -23.73 -6.67
CA ILE A 297 14.75 -22.96 -5.62
C ILE A 297 14.16 -23.38 -4.28
N THR A 298 14.98 -23.30 -3.24
CA THR A 298 14.56 -23.63 -1.88
C THR A 298 14.10 -22.38 -1.14
N ARG A 299 13.27 -22.60 -0.12
CA ARG A 299 12.94 -21.52 0.80
C ARG A 299 14.20 -20.89 1.40
N ALA A 300 15.14 -21.73 1.84
CA ALA A 300 16.37 -21.21 2.44
C ALA A 300 17.11 -20.29 1.47
N ARG A 301 17.23 -20.70 0.20
CA ARG A 301 17.93 -19.85 -0.77
C ARG A 301 17.18 -18.54 -1.00
N PHE A 302 15.85 -18.59 -1.09
CA PHE A 302 15.07 -17.36 -1.21
C PHE A 302 15.29 -16.42 -0.02
N GLU A 303 15.24 -16.96 1.20
CA GLU A 303 15.51 -16.16 2.41
C GLU A 303 16.88 -15.49 2.34
N GLU A 304 17.91 -16.24 1.93
CA GLU A 304 19.26 -15.66 1.81
C GLU A 304 19.29 -14.52 0.78
N LEU A 305 18.61 -14.69 -0.35
CA LEU A 305 18.58 -13.64 -1.36
C LEU A 305 17.90 -12.37 -0.85
N CYS A 306 17.00 -12.49 0.13
CA CYS A 306 16.25 -11.34 0.63
C CYS A 306 16.58 -10.96 2.06
N SER A 307 17.63 -11.54 2.67
CA SER A 307 17.79 -11.41 4.12
C SER A 307 17.94 -9.96 4.56
N ASP A 308 18.67 -9.15 3.79
CA ASP A 308 18.82 -7.74 4.17
C ASP A 308 17.51 -6.97 4.07
N LEU A 309 16.69 -7.28 3.05
CA LEU A 309 15.40 -6.60 2.92
C LEU A 309 14.47 -6.97 4.06
N PHE A 310 14.37 -8.27 4.37
CA PHE A 310 13.59 -8.74 5.52
C PHE A 310 14.04 -8.06 6.80
N ARG A 311 15.36 -8.05 7.05
CA ARG A 311 15.85 -7.43 8.28
C ARG A 311 15.55 -5.94 8.30
N SER A 312 15.57 -5.28 7.14
CA SER A 312 15.32 -3.84 7.13
C SER A 312 13.91 -3.49 7.60
N THR A 313 12.96 -4.44 7.63
CA THR A 313 11.62 -4.09 8.10
C THR A 313 11.59 -3.78 9.59
N LEU A 314 12.57 -4.22 10.37
CA LEU A 314 12.52 -3.93 11.80
C LEU A 314 12.88 -2.48 12.09
N GLU A 315 13.66 -1.84 11.21
CA GLU A 315 14.06 -0.46 11.46
C GLU A 315 12.88 0.49 11.54
N PRO A 316 11.92 0.48 10.61
CA PRO A 316 10.74 1.34 10.81
C PRO A 316 9.92 0.97 12.04
N VAL A 317 9.93 -0.30 12.46
CA VAL A 317 9.25 -0.65 13.71
C VAL A 317 9.92 0.07 14.88
N GLU A 318 11.25 0.05 14.94
CA GLU A 318 11.95 0.74 16.02
C GLU A 318 11.75 2.24 15.95
N LYS A 319 11.73 2.79 14.74
CA LYS A 319 11.53 4.22 14.57
C LYS A 319 10.14 4.65 15.05
N ALA A 320 9.10 3.91 14.66
CA ALA A 320 7.75 4.24 15.09
C ALA A 320 7.65 4.15 16.62
N LEU A 321 8.22 3.10 17.21
CA LEU A 321 8.21 2.99 18.66
C LEU A 321 8.91 4.18 19.31
N ARG A 322 10.01 4.65 18.72
CA ARG A 322 10.70 5.82 19.25
C ARG A 322 9.81 7.06 19.19
N ASP A 323 9.20 7.32 18.03
CA ASP A 323 8.31 8.48 17.91
C ASP A 323 7.14 8.41 18.89
N ALA A 324 6.57 7.22 19.06
CA ALA A 324 5.45 7.09 20.00
C ALA A 324 5.91 7.09 21.45
N LYS A 325 7.21 7.08 21.70
CA LYS A 325 7.75 7.06 23.05
C LYS A 325 7.24 5.84 23.82
N LEU A 326 7.22 4.69 23.15
CA LEU A 326 6.74 3.43 23.72
C LEU A 326 7.84 2.38 23.62
N ASP A 327 7.95 1.56 24.65
CA ASP A 327 8.79 0.38 24.58
C ASP A 327 8.03 -0.71 23.83
N LYS A 328 8.77 -1.66 23.24
CA LYS A 328 8.10 -2.75 22.52
C LYS A 328 7.15 -3.51 23.43
N ALA A 329 7.43 -3.56 24.74
CA ALA A 329 6.58 -4.26 25.69
C ALA A 329 5.29 -3.52 25.99
N GLN A 330 5.19 -2.25 25.59
CA GLN A 330 3.96 -1.50 25.78
C GLN A 330 3.01 -1.58 24.60
N ILE A 331 3.34 -2.36 23.57
CA ILE A 331 2.41 -2.64 22.48
C ILE A 331 1.54 -3.80 22.91
N HIS A 332 0.25 -3.55 23.14
CA HIS A 332 -0.64 -4.61 23.61
C HIS A 332 -1.05 -5.57 22.51
N ASP A 333 -1.29 -5.08 21.29
CA ASP A 333 -1.73 -5.91 20.18
C ASP A 333 -0.80 -5.70 18.99
N LEU A 334 -0.24 -6.78 18.48
CA LEU A 334 0.60 -6.76 17.29
C LEU A 334 -0.17 -7.39 16.14
N VAL A 335 -0.26 -6.68 15.02
CA VAL A 335 -1.11 -7.09 13.89
C VAL A 335 -0.25 -7.13 12.63
N LEU A 336 -0.21 -8.28 11.96
CA LEU A 336 0.52 -8.46 10.71
C LEU A 336 -0.49 -8.53 9.59
N VAL A 337 -0.42 -7.59 8.65
CA VAL A 337 -1.31 -7.61 7.49
C VAL A 337 -0.48 -7.32 6.25
N GLY A 338 -1.11 -7.55 5.10
CA GLY A 338 -0.40 -7.42 3.83
C GLY A 338 0.05 -8.78 3.33
N GLY A 339 -0.06 -8.98 2.02
CA GLY A 339 0.23 -10.28 1.44
C GLY A 339 1.64 -10.77 1.73
N SER A 340 2.60 -9.86 1.88
CA SER A 340 3.97 -10.33 2.12
C SER A 340 4.19 -10.84 3.54
N THR A 341 3.28 -10.54 4.49
CA THR A 341 3.50 -11.09 5.82
C THR A 341 3.19 -12.58 5.88
N ARG A 342 2.80 -13.20 4.77
CA ARG A 342 2.66 -14.66 4.70
C ARG A 342 4.00 -15.38 4.65
N ILE A 343 5.09 -14.66 4.37
CA ILE A 343 6.44 -15.23 4.33
C ILE A 343 6.85 -15.68 5.73
N PRO A 344 7.17 -16.96 5.95
CA PRO A 344 7.46 -17.43 7.32
C PRO A 344 8.65 -16.74 7.96
N LYS A 345 9.68 -16.42 7.18
CA LYS A 345 10.84 -15.72 7.74
C LYS A 345 10.45 -14.34 8.23
N VAL A 346 9.54 -13.66 7.52
CA VAL A 346 9.09 -12.35 7.96
C VAL A 346 8.36 -12.46 9.30
N GLN A 347 7.43 -13.41 9.41
CA GLN A 347 6.72 -13.63 10.66
C GLN A 347 7.69 -13.94 11.80
N LYS A 348 8.73 -14.73 11.54
CA LYS A 348 9.64 -15.13 12.61
C LYS A 348 10.50 -13.97 13.08
N LEU A 349 10.90 -13.10 12.15
CA LEU A 349 11.70 -11.94 12.55
C LEU A 349 10.88 -10.99 13.41
N LEU A 350 9.62 -10.78 13.08
CA LEU A 350 8.78 -9.92 13.89
C LEU A 350 8.51 -10.53 15.26
N GLN A 351 8.27 -11.83 15.29
CA GLN A 351 7.96 -12.48 16.55
C GLN A 351 9.15 -12.45 17.49
N ASP A 352 10.35 -12.77 16.98
CA ASP A 352 11.56 -12.67 17.79
C ASP A 352 11.76 -11.25 18.29
N PHE A 353 11.52 -10.26 17.42
CA PHE A 353 11.70 -8.87 17.82
C PHE A 353 10.78 -8.52 18.97
N PHE A 354 9.53 -8.98 18.91
CA PHE A 354 8.59 -8.78 20.00
C PHE A 354 8.64 -9.91 21.03
N ASN A 355 9.83 -10.48 21.24
CA ASN A 355 10.13 -11.47 22.28
C ASN A 355 9.07 -12.57 22.34
N GLY A 356 9.10 -13.41 21.30
CA GLY A 356 8.32 -14.64 21.26
C GLY A 356 6.81 -14.47 21.30
N ARG A 357 6.31 -13.25 21.31
CA ARG A 357 4.87 -13.03 21.43
C ARG A 357 4.09 -13.67 20.29
N ASP A 358 2.93 -14.26 20.61
CA ASP A 358 2.00 -14.75 19.60
C ASP A 358 1.34 -13.57 18.89
N LEU A 359 1.47 -13.51 17.57
CA LEU A 359 1.00 -12.36 16.82
C LEU A 359 -0.35 -12.62 16.17
N ASN A 360 -1.13 -11.54 16.03
CA ASN A 360 -2.48 -11.61 15.49
C ASN A 360 -2.41 -12.00 14.02
N LYS A 361 -2.57 -13.30 13.77
CA LYS A 361 -2.58 -13.88 12.42
C LYS A 361 -3.49 -15.10 12.47
N SER A 362 -4.77 -14.87 12.22
CA SER A 362 -5.71 -15.90 11.84
C SER A 362 -6.65 -15.45 10.73
N ILE A 363 -6.93 -14.15 10.62
CA ILE A 363 -7.47 -13.61 9.39
C ILE A 363 -6.37 -13.59 8.35
N ASN A 364 -6.72 -13.96 7.12
CA ASN A 364 -5.76 -13.88 6.03
C ASN A 364 -5.22 -12.46 5.94
N PRO A 365 -3.90 -12.27 5.94
CA PRO A 365 -3.35 -10.91 6.07
C PRO A 365 -3.63 -10.02 4.86
N ASP A 366 -3.81 -10.58 3.66
CA ASP A 366 -4.21 -9.74 2.55
C ASP A 366 -5.72 -9.52 2.48
N GLU A 367 -6.46 -10.01 3.48
CA GLU A 367 -7.91 -9.83 3.53
C GLU A 367 -8.37 -9.01 4.72
N ALA A 368 -7.50 -8.77 5.71
CA ALA A 368 -7.96 -8.14 6.95
C ALA A 368 -8.41 -6.71 6.73
N VAL A 369 -7.81 -5.99 5.78
CA VAL A 369 -8.24 -4.61 5.56
C VAL A 369 -9.64 -4.57 4.93
N ALA A 370 -9.91 -5.43 3.94
CA ALA A 370 -11.27 -5.49 3.39
C ALA A 370 -12.26 -5.93 4.45
N TYR A 371 -11.87 -6.88 5.30
CA TYR A 371 -12.75 -7.36 6.36
C TYR A 371 -13.17 -6.20 7.27
N GLY A 372 -12.22 -5.41 7.76
CA GLY A 372 -12.57 -4.29 8.60
C GLY A 372 -13.37 -3.22 7.90
N ALA A 373 -13.10 -3.02 6.61
CA ALA A 373 -13.91 -2.09 5.83
C ALA A 373 -15.34 -2.58 5.72
N ALA A 374 -15.52 -3.89 5.62
CA ALA A 374 -16.88 -4.43 5.50
C ALA A 374 -17.66 -4.21 6.79
N VAL A 375 -17.00 -4.37 7.93
CA VAL A 375 -17.64 -4.14 9.22
C VAL A 375 -18.05 -2.68 9.35
N GLN A 376 -17.12 -1.76 9.04
CA GLN A 376 -17.45 -0.34 9.09
C GLN A 376 -18.63 -0.03 8.19
N ALA A 377 -18.68 -0.66 7.02
CA ALA A 377 -19.76 -0.41 6.09
C ALA A 377 -21.10 -0.81 6.69
N ALA A 378 -21.17 -2.00 7.27
CA ALA A 378 -22.42 -2.46 7.86
C ALA A 378 -22.88 -1.52 8.97
N ILE A 379 -21.94 -1.02 9.77
CA ILE A 379 -22.26 -0.12 10.88
C ILE A 379 -22.85 1.18 10.38
N LEU A 380 -22.52 1.58 9.15
CA LEU A 380 -22.98 2.86 8.63
C LEU A 380 -24.30 2.75 7.87
N MET A 381 -24.79 1.55 7.62
CA MET A 381 -26.05 1.38 6.90
C MET A 381 -27.22 1.54 7.86
N ARG B 1 -21.45 -1.27 17.52
CA ARG B 1 -20.17 -0.56 17.52
C ARG B 1 -20.32 0.81 16.87
N GLN B 2 -19.41 1.71 17.25
CA GLN B 2 -19.23 3.01 16.61
C GLN B 2 -17.74 3.26 16.53
N ILE B 3 -17.30 3.85 15.42
CA ILE B 3 -15.87 3.92 15.09
C ILE B 3 -15.54 5.36 14.75
N VAL B 4 -14.58 5.93 15.47
CA VAL B 4 -14.19 7.33 15.31
C VAL B 4 -12.68 7.39 15.08
N GLU B 5 -12.27 8.06 14.01
CA GLU B 5 -10.84 8.29 13.74
C GLU B 5 -10.51 9.71 14.17
N ARG B 6 -9.85 9.84 15.32
CA ARG B 6 -9.59 11.15 15.91
C ARG B 6 -8.29 11.72 15.35
N GLN B 7 -8.35 12.93 14.78
CA GLN B 7 -7.13 13.63 14.41
C GLN B 7 -6.65 14.46 15.60
N PRO B 8 -5.40 14.29 16.05
CA PRO B 8 -4.91 15.08 17.20
C PRO B 8 -4.92 16.56 16.88
N ARG B 9 -5.36 17.35 17.87
CA ARG B 9 -5.44 18.80 17.68
C ARG B 9 -4.09 19.48 17.90
N MET B 10 -3.22 18.87 18.70
CA MET B 10 -1.86 19.37 18.91
C MET B 10 -0.91 18.36 18.28
N LEU B 11 0.00 18.84 17.45
CA LEU B 11 0.94 17.99 16.74
C LEU B 11 2.34 18.20 17.30
N ASP B 12 3.00 17.09 17.64
CA ASP B 12 4.38 17.12 18.11
C ASP B 12 5.32 16.75 16.97
N PHE B 13 6.36 17.56 16.80
CA PHE B 13 7.36 17.35 15.76
C PHE B 13 8.75 17.36 16.36
N ARG B 14 9.55 16.42 15.93
CA ARG B 14 10.98 16.40 16.16
C ARG B 14 11.65 16.61 14.81
N VAL B 15 12.30 17.74 14.63
CA VAL B 15 12.91 18.10 13.35
C VAL B 15 14.42 17.95 13.48
N GLU B 16 15.01 17.14 12.62
CA GLU B 16 16.44 16.91 12.65
C GLU B 16 17.15 17.83 11.67
N TYR B 17 18.25 18.43 12.11
CA TYR B 17 19.12 19.22 11.24
C TYR B 17 20.56 18.98 11.68
N ARG B 18 21.32 18.29 10.85
CA ARG B 18 22.74 18.03 11.09
C ARG B 18 22.89 17.32 12.43
N ASP B 19 23.56 17.90 13.41
CA ASP B 19 23.82 17.26 14.70
C ASP B 19 22.63 17.35 15.65
N ARG B 20 21.58 18.09 15.29
CA ARG B 20 20.72 18.71 16.26
C ARG B 20 19.26 18.39 15.98
N ASN B 21 18.47 18.35 17.05
CA ASN B 21 17.04 18.11 16.99
C ASN B 21 16.32 19.33 17.54
N VAL B 22 15.30 19.80 16.82
CA VAL B 22 14.44 20.89 17.24
C VAL B 22 13.05 20.33 17.48
N ASP B 23 12.53 20.50 18.69
CA ASP B 23 11.19 20.11 19.06
C ASP B 23 10.21 21.22 18.71
N VAL B 24 9.06 20.86 18.14
CA VAL B 24 8.03 21.83 17.76
C VAL B 24 6.67 21.27 18.14
N VAL B 25 5.84 22.09 18.78
CA VAL B 25 4.47 21.75 19.13
C VAL B 25 3.58 22.85 18.56
N LEU B 26 2.59 22.47 17.75
CA LEU B 26 1.63 23.47 17.29
C LEU B 26 0.28 22.82 17.01
N GLU B 27 -0.74 23.68 16.91
CA GLU B 27 -2.09 23.23 16.55
C GLU B 27 -2.13 22.78 15.10
N ASP B 28 -3.05 21.86 14.81
CA ASP B 28 -3.13 21.33 13.46
C ASP B 28 -3.84 22.28 12.52
N THR B 29 -4.33 23.43 13.00
CA THR B 29 -4.76 24.51 12.14
C THR B 29 -3.61 25.37 11.65
N CYS B 30 -2.41 25.17 12.19
CA CYS B 30 -1.25 25.90 11.70
C CYS B 30 -0.81 25.37 10.33
N THR B 31 0.06 26.13 9.68
CA THR B 31 0.59 25.74 8.38
C THR B 31 1.98 25.15 8.51
N VAL B 32 2.41 24.47 7.43
CA VAL B 32 3.79 23.99 7.36
C VAL B 32 4.76 25.16 7.48
N GLY B 33 4.40 26.31 6.88
CA GLY B 33 5.27 27.47 6.93
C GLY B 33 5.53 27.95 8.35
N GLU B 34 4.59 27.71 9.26
CA GLU B 34 4.81 28.11 10.64
C GLU B 34 5.84 27.22 11.32
N ILE B 35 5.93 25.94 10.93
CA ILE B 35 7.03 25.09 11.38
C ILE B 35 8.36 25.67 10.92
N LYS B 36 8.44 26.07 9.65
CA LYS B 36 9.69 26.61 9.13
C LYS B 36 10.09 27.89 9.86
N GLN B 37 9.11 28.75 10.21
CA GLN B 37 9.43 29.97 10.94
C GLN B 37 9.98 29.65 12.33
N ILE B 38 9.41 28.65 13.00
CA ILE B 38 9.97 28.23 14.29
C ILE B 38 11.39 27.69 14.09
N LEU B 39 11.61 26.95 13.00
CA LEU B 39 12.96 26.47 12.70
C LEU B 39 13.92 27.62 12.45
N GLU B 40 13.46 28.68 11.78
CA GLU B 40 14.34 29.83 11.56
C GLU B 40 14.73 30.49 12.87
N ASN B 41 13.79 30.60 13.82
CA ASN B 41 14.12 31.19 15.11
C ASN B 41 15.12 30.35 15.89
N GLU B 42 15.05 29.03 15.76
CA GLU B 42 15.90 28.12 16.51
C GLU B 42 17.27 27.96 15.86
N LEU B 43 17.31 27.87 14.53
CA LEU B 43 18.54 27.62 13.78
C LEU B 43 19.19 28.90 13.27
N GLN B 44 18.49 30.03 13.29
CA GLN B 44 19.02 31.29 12.78
C GLN B 44 19.42 31.16 11.31
N ILE B 45 18.70 30.31 10.59
CA ILE B 45 18.81 30.19 9.13
C ILE B 45 17.49 30.66 8.53
N PRO B 46 17.50 31.44 7.45
CA PRO B 46 16.23 31.91 6.88
C PRO B 46 15.42 30.77 6.30
N VAL B 47 14.09 30.86 6.45
CA VAL B 47 13.21 29.81 5.91
C VAL B 47 13.47 29.64 4.42
N SER B 48 13.85 30.72 3.75
CA SER B 48 14.19 30.69 2.33
C SER B 48 15.25 29.65 2.02
N LYS B 49 16.12 29.33 2.98
CA LYS B 49 17.25 28.47 2.70
C LYS B 49 17.05 27.03 3.14
N MET B 50 15.88 26.66 3.66
CA MET B 50 15.69 25.31 4.19
C MET B 50 14.74 24.51 3.30
N LEU B 51 15.11 23.25 3.07
CA LEU B 51 14.27 22.25 2.47
C LEU B 51 13.74 21.38 3.60
N LEU B 52 12.48 21.58 3.98
CA LEU B 52 11.87 20.81 5.06
C LEU B 52 11.31 19.53 4.48
N LYS B 53 11.75 18.38 5.00
CA LYS B 53 11.50 17.08 4.42
C LYS B 53 10.94 16.11 5.45
N GLY B 54 10.38 15.01 4.95
CA GLY B 54 9.70 14.02 5.76
C GLY B 54 8.22 13.82 5.46
N TRP B 55 7.58 14.69 4.68
CA TRP B 55 6.19 14.49 4.30
C TRP B 55 6.07 13.29 3.37
N LYS B 56 4.84 12.79 3.22
CA LYS B 56 4.61 11.60 2.41
C LYS B 56 4.40 11.91 0.94
N THR B 57 4.21 13.16 0.56
CA THR B 57 4.20 13.60 -0.83
C THR B 57 5.22 14.73 -1.01
N GLY B 58 5.43 15.11 -2.27
CA GLY B 58 6.38 16.14 -2.61
C GLY B 58 5.71 17.42 -3.09
N ASP B 59 4.44 17.59 -2.74
CA ASP B 59 3.66 18.76 -3.13
C ASP B 59 3.22 19.58 -1.93
N VAL B 60 3.76 19.32 -0.74
CA VAL B 60 3.42 20.10 0.44
C VAL B 60 3.99 21.51 0.27
N GLU B 61 3.18 22.52 0.62
CA GLU B 61 3.60 23.92 0.51
C GLU B 61 3.61 24.57 1.88
N ASP B 62 4.25 25.74 1.96
CA ASP B 62 4.23 26.54 3.19
C ASP B 62 2.81 26.84 3.66
N SER B 63 1.87 27.00 2.72
CA SER B 63 0.49 27.33 3.06
C SER B 63 -0.33 26.10 3.45
N THR B 64 0.23 24.89 3.34
CA THR B 64 -0.53 23.68 3.64
C THR B 64 -0.90 23.63 5.12
N VAL B 65 -2.20 23.47 5.40
CA VAL B 65 -2.68 23.32 6.77
C VAL B 65 -2.39 21.91 7.26
N LEU B 66 -1.80 21.80 8.45
CA LEU B 66 -1.32 20.52 8.96
C LEU B 66 -2.44 19.49 9.08
N LYS B 67 -3.65 19.94 9.44
CA LYS B 67 -4.78 19.02 9.52
C LYS B 67 -4.97 18.25 8.21
N SER B 68 -4.79 18.92 7.07
CA SER B 68 -5.01 18.31 5.76
C SER B 68 -4.02 17.19 5.47
N LEU B 69 -2.93 17.10 6.22
CA LEU B 69 -1.94 16.04 6.04
C LEU B 69 -2.22 14.80 6.86
N HIS B 70 -3.27 14.80 7.69
CA HIS B 70 -3.65 13.60 8.44
C HIS B 70 -2.45 12.97 9.13
N LEU B 71 -1.72 13.81 9.86
CA LEU B 71 -0.46 13.43 10.47
C LEU B 71 -0.69 12.60 11.74
N PRO B 72 0.26 11.74 12.10
CA PRO B 72 0.23 11.13 13.44
C PRO B 72 0.49 12.17 14.53
N LYS B 73 0.18 11.78 15.76
CA LYS B 73 0.39 12.67 16.91
C LYS B 73 1.86 13.09 17.02
N ASN B 74 2.77 12.14 16.88
CA ASN B 74 4.21 12.36 16.99
C ASN B 74 4.82 12.24 15.60
N ASN B 75 5.61 13.22 15.20
CA ASN B 75 6.14 13.30 13.84
C ASN B 75 7.65 13.45 13.83
N SER B 76 8.29 12.87 12.81
CA SER B 76 9.72 13.01 12.55
C SER B 76 9.91 13.73 11.22
N LEU B 77 10.60 14.87 11.25
CA LEU B 77 10.96 15.57 10.04
C LEU B 77 12.46 15.84 10.04
N TYR B 78 12.95 16.41 8.95
CA TYR B 78 14.33 16.83 8.88
C TYR B 78 14.48 17.95 7.85
N VAL B 79 15.56 18.74 8.03
CA VAL B 79 15.83 19.95 7.26
C VAL B 79 17.10 19.75 6.45
N LEU B 80 17.05 20.11 5.16
CA LEU B 80 18.25 20.19 4.33
C LEU B 80 18.55 21.66 4.01
N THR B 81 19.82 22.03 4.10
CA THR B 81 20.26 23.34 3.62
C THR B 81 21.37 23.19 2.59
#